data_3RVN
#
_entry.id   3RVN
#
_cell.length_a   53.436
_cell.length_b   53.613
_cell.length_c   161.310
_cell.angle_alpha   90.00
_cell.angle_beta   90.00
_cell.angle_gamma   90.00
#
_symmetry.space_group_name_H-M   'P 21 21 21'
#
loop_
_entity.id
_entity.type
_entity.pdbx_description
1 polymer 'Chemotaxis protein CheY'
2 non-polymer 'MANGANESE (II) ION'
3 non-polymer 'BERYLLIUM TRIFLUORIDE ION'
4 non-polymer 'SULFATE ION'
5 non-polymer GLYCEROL
6 water water
#
_entity_poly.entity_id   1
_entity_poly.type   'polypeptide(L)'
_entity_poly.pdbx_seq_one_letter_code
;GSHMADKELKFLVVDDFSTMRRIVRNLLKELGFNNVEEAEDGVDALNKLQAGGYGFVISDWDMPNMDGLELLKTIRADGA
MSALPVLMVTAYAKKENIIAAAQAGASGYVVKPFTAATLEEKLNKIFEKLGM
;
_entity_poly.pdbx_strand_id   A,B
#
loop_
_chem_comp.id
_chem_comp.type
_chem_comp.name
_chem_comp.formula
BEF non-polymer 'BERYLLIUM TRIFLUORIDE ION' 'Be F3 -1'
GOL non-polymer GLYCEROL 'C3 H8 O3'
MN non-polymer 'MANGANESE (II) ION' 'Mn 2'
SO4 non-polymer 'SULFATE ION' 'O4 S -2'
#
# COMPACT_ATOMS: atom_id res chain seq x y z
N HIS A 3 -8.77 5.42 -19.28
CA HIS A 3 -9.09 4.19 -20.01
C HIS A 3 -10.20 3.41 -19.33
N MET A 4 -11.01 2.72 -20.12
CA MET A 4 -12.16 1.98 -19.61
C MET A 4 -11.96 0.48 -19.84
N ALA A 5 -12.60 -0.33 -19.00
CA ALA A 5 -12.45 -1.78 -19.05
C ALA A 5 -13.33 -2.40 -20.15
N ASP A 6 -13.21 -1.84 -21.36
CA ASP A 6 -13.83 -2.42 -22.55
C ASP A 6 -12.84 -3.34 -23.21
N LYS A 7 -13.18 -3.84 -24.40
CA LYS A 7 -12.33 -4.80 -25.07
C LYS A 7 -11.05 -4.17 -25.61
N GLU A 8 -11.04 -2.85 -25.73
CA GLU A 8 -9.88 -2.19 -26.31
C GLU A 8 -8.74 -1.99 -25.31
N LEU A 9 -9.06 -2.03 -24.03
CA LEU A 9 -8.06 -1.86 -22.98
C LEU A 9 -6.81 -2.68 -23.26
N LYS A 10 -5.66 -2.01 -23.29
CA LYS A 10 -4.42 -2.67 -23.65
C LYS A 10 -3.63 -3.03 -22.38
N PHE A 11 -3.25 -4.29 -22.29
CA PHE A 11 -2.60 -4.84 -21.11
C PHE A 11 -1.13 -5.12 -21.39
N LEU A 12 -0.29 -4.86 -20.39
CA LEU A 12 1.07 -5.33 -20.44
C LEU A 12 1.22 -6.35 -19.35
N VAL A 13 1.73 -7.53 -19.71
CA VAL A 13 1.87 -8.64 -18.79
C VAL A 13 3.33 -8.95 -18.61
N VAL A 14 3.80 -8.82 -17.38
CA VAL A 14 5.22 -8.83 -17.11
C VAL A 14 5.56 -9.98 -16.18
N ASP A 15 6.48 -10.83 -16.62
CA ASP A 15 6.94 -11.93 -15.80
C ASP A 15 8.19 -12.49 -16.47
N ASP A 16 9.14 -12.99 -15.69
CA ASP A 16 10.35 -13.52 -16.32
C ASP A 16 10.15 -14.94 -16.86
N PHE A 17 9.04 -15.58 -16.49
CA PHE A 17 8.69 -16.91 -16.99
C PHE A 17 7.53 -16.86 -17.96
N SER A 18 7.76 -17.34 -19.17
CA SER A 18 6.74 -17.31 -20.22
C SER A 18 5.50 -18.11 -19.82
N THR A 19 5.73 -19.17 -19.07
CA THR A 19 4.60 -19.98 -18.63
C THR A 19 3.57 -19.12 -17.92
N MET A 20 4.00 -18.26 -17.00
CA MET A 20 3.04 -17.45 -16.27
CA MET A 20 3.08 -17.43 -16.26
C MET A 20 2.45 -16.36 -17.15
N ARG A 21 3.27 -15.77 -18.01
CA ARG A 21 2.76 -14.79 -18.95
C ARG A 21 1.65 -15.44 -19.77
N ARG A 22 1.91 -16.66 -20.21
CA ARG A 22 0.94 -17.41 -21.00
C ARG A 22 -0.38 -17.72 -20.27
N ILE A 23 -0.28 -18.08 -19.00
CA ILE A 23 -1.49 -18.25 -18.21
C ILE A 23 -2.30 -16.95 -18.18
N VAL A 24 -1.61 -15.83 -17.95
CA VAL A 24 -2.30 -14.56 -17.79
C VAL A 24 -2.90 -14.07 -19.12
N ARG A 25 -2.16 -14.20 -20.21
CA ARG A 25 -2.70 -13.79 -21.50
CA ARG A 25 -2.67 -13.82 -21.52
C ARG A 25 -3.94 -14.61 -21.81
N ASN A 26 -3.85 -15.93 -21.68
CA ASN A 26 -5.03 -16.75 -21.98
C ASN A 26 -6.21 -16.43 -21.09
N LEU A 27 -5.96 -16.09 -19.82
CA LEU A 27 -7.06 -15.71 -18.93
C LEU A 27 -7.72 -14.41 -19.38
N LEU A 28 -6.90 -13.47 -19.84
CA LEU A 28 -7.40 -12.18 -20.28
C LEU A 28 -8.26 -12.36 -21.52
N LYS A 29 -7.78 -13.18 -22.45
CA LYS A 29 -8.54 -13.52 -23.64
C LYS A 29 -9.93 -14.04 -23.27
N GLU A 30 -9.95 -15.03 -22.39
CA GLU A 30 -11.21 -15.58 -21.91
C GLU A 30 -12.12 -14.50 -21.36
N LEU A 31 -11.54 -13.42 -20.82
CA LEU A 31 -12.33 -12.37 -20.20
C LEU A 31 -12.74 -11.31 -21.22
N GLY A 32 -12.28 -11.50 -22.45
CA GLY A 32 -12.61 -10.59 -23.53
C GLY A 32 -11.57 -9.53 -23.82
N PHE A 33 -10.37 -9.67 -23.26
CA PHE A 33 -9.31 -8.72 -23.57
C PHE A 33 -8.25 -9.36 -24.46
N ASN A 34 -8.24 -8.99 -25.74
CA ASN A 34 -7.25 -9.52 -26.69
C ASN A 34 -6.11 -8.56 -26.96
N ASN A 35 -6.26 -7.30 -26.54
CA ASN A 35 -5.18 -6.34 -26.72
C ASN A 35 -4.14 -6.48 -25.60
N VAL A 36 -3.26 -7.46 -25.75
CA VAL A 36 -2.33 -7.81 -24.69
C VAL A 36 -0.92 -8.00 -25.23
N GLU A 37 0.04 -7.31 -24.61
CA GLU A 37 1.44 -7.50 -24.93
C GLU A 37 2.15 -8.07 -23.71
N GLU A 38 3.34 -8.62 -23.93
CA GLU A 38 4.13 -9.23 -22.87
C GLU A 38 5.47 -8.54 -22.69
N ALA A 39 6.03 -8.62 -21.49
CA ALA A 39 7.40 -8.20 -21.26
C ALA A 39 8.05 -9.18 -20.30
N GLU A 40 9.39 -9.26 -20.35
CA GLU A 40 10.11 -10.25 -19.57
C GLU A 40 10.75 -9.72 -18.30
N ASP A 41 10.66 -8.42 -18.08
CA ASP A 41 11.24 -7.81 -16.87
C ASP A 41 10.92 -6.32 -16.81
N GLY A 42 11.34 -5.68 -15.72
CA GLY A 42 10.97 -4.30 -15.49
C GLY A 42 11.44 -3.36 -16.59
N VAL A 43 12.64 -3.58 -17.08
CA VAL A 43 13.21 -2.69 -18.10
C VAL A 43 12.49 -2.81 -19.42
N ASP A 44 12.37 -4.06 -19.89
CA ASP A 44 11.60 -4.38 -21.07
C ASP A 44 10.22 -3.75 -20.96
N ALA A 45 9.60 -3.90 -19.78
CA ALA A 45 8.27 -3.36 -19.53
C ALA A 45 8.24 -1.84 -19.67
N LEU A 46 9.15 -1.15 -19.00
CA LEU A 46 9.23 0.30 -19.17
C LEU A 46 9.42 0.72 -20.62
N ASN A 47 10.22 -0.02 -21.38
CA ASN A 47 10.35 0.26 -22.82
C ASN A 47 9.01 0.20 -23.55
N LYS A 48 8.21 -0.84 -23.29
CA LYS A 48 6.91 -0.95 -23.95
C LYS A 48 5.94 0.10 -23.42
N LEU A 49 5.93 0.30 -22.11
CA LEU A 49 5.08 1.32 -21.55
C LEU A 49 5.38 2.68 -22.18
N GLN A 50 6.66 2.95 -22.42
CA GLN A 50 7.06 4.22 -23.05
C GLN A 50 6.56 4.26 -24.49
N ALA A 51 6.48 3.11 -25.14
CA ALA A 51 5.89 3.03 -26.48
C ALA A 51 4.48 3.61 -26.52
N GLY A 52 3.78 3.61 -25.39
CA GLY A 52 2.49 4.25 -25.26
C GLY A 52 1.29 3.35 -25.48
N GLY A 53 0.11 3.79 -25.01
CA GLY A 53 -1.13 3.11 -25.30
C GLY A 53 -1.68 2.18 -24.23
N TYR A 54 -0.83 1.80 -23.28
CA TYR A 54 -1.20 0.82 -22.26
C TYR A 54 -2.15 1.38 -21.20
N GLY A 55 -3.11 0.56 -20.78
CA GLY A 55 -4.09 0.96 -19.78
C GLY A 55 -4.06 0.13 -18.51
N PHE A 56 -3.17 -0.86 -18.45
CA PHE A 56 -3.15 -1.78 -17.34
C PHE A 56 -1.87 -2.62 -17.35
N VAL A 57 -1.26 -2.76 -16.19
CA VAL A 57 -0.10 -3.65 -16.06
C VAL A 57 -0.38 -4.78 -15.07
N ILE A 58 0.01 -6.00 -15.44
CA ILE A 58 0.02 -7.11 -14.51
C ILE A 58 1.47 -7.55 -14.43
N SER A 59 2.01 -7.60 -13.22
CA SER A 59 3.44 -7.80 -13.09
C SER A 59 3.88 -8.77 -12.01
N ASP A 60 4.86 -9.57 -12.36
CA ASP A 60 5.59 -10.44 -11.45
C ASP A 60 6.39 -9.55 -10.53
N TRP A 61 7.02 -10.12 -9.53
CA TRP A 61 7.89 -9.33 -8.65
C TRP A 61 9.34 -9.71 -8.93
N ASP A 62 9.64 -10.98 -8.71
CA ASP A 62 11.01 -11.47 -8.82
C ASP A 62 11.42 -11.65 -10.27
N MET A 63 12.19 -10.70 -10.80
CA MET A 63 12.63 -10.74 -12.19
C MET A 63 14.02 -10.16 -12.25
N PRO A 64 14.82 -10.64 -13.21
CA PRO A 64 16.15 -10.05 -13.43
C PRO A 64 16.00 -8.66 -14.05
N ASN A 65 17.07 -7.85 -13.97
CA ASN A 65 17.17 -6.55 -14.63
C ASN A 65 16.47 -5.42 -13.89
N MET A 66 15.17 -5.54 -13.74
CA MET A 66 14.43 -4.70 -12.81
C MET A 66 13.27 -5.51 -12.23
N ASP A 67 13.28 -5.70 -10.93
CA ASP A 67 12.20 -6.42 -10.27
C ASP A 67 10.93 -5.58 -10.26
N GLY A 68 9.80 -6.25 -10.03
CA GLY A 68 8.51 -5.60 -10.14
C GLY A 68 8.17 -4.60 -9.06
N LEU A 69 8.81 -4.70 -7.90
CA LEU A 69 8.62 -3.67 -6.89
C LEU A 69 9.24 -2.36 -7.39
N GLU A 70 10.42 -2.48 -7.99
CA GLU A 70 11.04 -1.33 -8.66
C GLU A 70 10.22 -0.84 -9.84
N LEU A 71 9.65 -1.78 -10.59
CA LEU A 71 8.87 -1.40 -11.76
C LEU A 71 7.63 -0.63 -11.32
N LEU A 72 7.02 -1.10 -10.24
CA LEU A 72 5.83 -0.45 -9.69
C LEU A 72 6.16 0.96 -9.17
N LYS A 73 7.23 1.07 -8.39
CA LYS A 73 7.67 2.37 -7.89
C LYS A 73 7.97 3.34 -9.02
N THR A 74 8.64 2.85 -10.07
CA THR A 74 9.02 3.68 -11.20
C THR A 74 7.81 4.26 -11.91
N ILE A 75 6.83 3.41 -12.18
CA ILE A 75 5.55 3.80 -12.74
C ILE A 75 4.85 4.85 -11.88
N ARG A 76 4.78 4.59 -10.58
CA ARG A 76 4.07 5.47 -9.65
C ARG A 76 4.71 6.84 -9.52
N ALA A 77 6.02 6.91 -9.78
CA ALA A 77 6.77 8.15 -9.64
C ALA A 77 6.88 8.92 -10.95
N ASP A 78 6.40 8.32 -12.04
CA ASP A 78 6.52 8.93 -13.35
C ASP A 78 5.26 9.70 -13.71
N GLY A 79 5.40 11.00 -13.93
CA GLY A 79 4.25 11.87 -14.11
C GLY A 79 3.38 11.51 -15.30
N ALA A 80 3.96 10.83 -16.27
CA ALA A 80 3.24 10.41 -17.46
C ALA A 80 2.42 9.12 -17.25
N MET A 81 2.69 8.38 -16.18
CA MET A 81 1.99 7.12 -15.97
C MET A 81 1.71 6.79 -14.51
N SER A 82 1.77 7.80 -13.66
CA SER A 82 1.73 7.59 -12.23
C SER A 82 0.45 6.90 -11.76
N ALA A 83 -0.62 6.96 -12.55
CA ALA A 83 -1.90 6.39 -12.12
C ALA A 83 -2.25 5.08 -12.83
N LEU A 84 -1.28 4.54 -13.57
CA LEU A 84 -1.49 3.33 -14.33
C LEU A 84 -1.84 2.19 -13.39
N PRO A 85 -2.96 1.49 -13.65
CA PRO A 85 -3.25 0.33 -12.80
C PRO A 85 -2.09 -0.67 -12.84
N VAL A 86 -1.64 -1.15 -11.69
CA VAL A 86 -0.64 -2.21 -11.66
C VAL A 86 -1.06 -3.28 -10.68
N LEU A 87 -1.36 -4.46 -11.20
CA LEU A 87 -1.76 -5.60 -10.39
C LEU A 87 -0.57 -6.54 -10.23
N MET A 88 -0.11 -6.71 -8.99
CA MET A 88 1.00 -7.61 -8.74
C MET A 88 0.51 -9.04 -8.74
N VAL A 89 1.24 -9.91 -9.44
CA VAL A 89 0.95 -11.34 -9.43
C VAL A 89 2.26 -12.07 -9.17
N THR A 90 2.39 -12.65 -7.99
CA THR A 90 3.70 -13.10 -7.55
C THR A 90 3.59 -14.23 -6.56
N ALA A 91 4.62 -15.06 -6.48
CA ALA A 91 4.76 -16.08 -5.45
C ALA A 91 5.13 -15.57 -4.06
N TYR A 92 5.58 -14.33 -3.96
CA TYR A 92 5.87 -13.75 -2.66
C TYR A 92 4.59 -13.60 -1.84
N ALA A 93 4.49 -14.35 -0.75
CA ALA A 93 3.25 -14.37 0.04
C ALA A 93 3.38 -13.81 1.45
N LYS A 94 4.59 -13.42 1.85
CA LYS A 94 4.76 -12.86 3.19
C LYS A 94 4.09 -11.51 3.29
N LYS A 95 3.63 -11.17 4.49
CA LYS A 95 2.90 -9.94 4.68
C LYS A 95 3.79 -8.73 4.45
N GLU A 96 5.08 -8.85 4.75
CA GLU A 96 5.97 -7.72 4.53
C GLU A 96 6.11 -7.40 3.04
N ASN A 97 5.93 -8.42 2.20
CA ASN A 97 5.97 -8.22 0.75
C ASN A 97 4.70 -7.52 0.31
N ILE A 98 3.57 -8.03 0.77
CA ILE A 98 2.27 -7.44 0.48
C ILE A 98 2.26 -5.99 0.94
N ILE A 99 2.80 -5.72 2.12
CA ILE A 99 2.89 -4.33 2.61
C ILE A 99 3.78 -3.46 1.73
N ALA A 100 4.98 -3.94 1.42
CA ALA A 100 5.88 -3.13 0.60
C ALA A 100 5.22 -2.75 -0.73
N ALA A 101 4.51 -3.68 -1.35
CA ALA A 101 3.88 -3.41 -2.65
C ALA A 101 2.66 -2.52 -2.50
N ALA A 102 1.89 -2.75 -1.45
CA ALA A 102 0.71 -1.93 -1.22
C ALA A 102 1.13 -0.48 -1.03
N GLN A 103 2.07 -0.27 -0.13
CA GLN A 103 2.53 1.08 0.16
C GLN A 103 3.16 1.71 -1.07
N ALA A 104 3.79 0.89 -1.92
CA ALA A 104 4.40 1.43 -3.13
C ALA A 104 3.34 1.77 -4.16
N GLY A 105 2.08 1.51 -3.84
CA GLY A 105 0.97 1.89 -4.70
C GLY A 105 0.38 0.78 -5.56
N ALA A 106 0.66 -0.47 -5.23
CA ALA A 106 0.03 -1.56 -5.99
C ALA A 106 -1.49 -1.41 -6.05
N SER A 107 -2.10 -1.64 -7.21
CA SER A 107 -3.57 -1.57 -7.35
C SER A 107 -4.23 -2.80 -6.74
N GLY A 108 -3.48 -3.88 -6.64
CA GLY A 108 -4.01 -5.17 -6.22
C GLY A 108 -2.85 -6.13 -6.12
N TYR A 109 -3.10 -7.32 -5.57
CA TYR A 109 -2.03 -8.28 -5.32
C TYR A 109 -2.63 -9.70 -5.31
N VAL A 110 -2.15 -10.53 -6.22
CA VAL A 110 -2.57 -11.92 -6.30
C VAL A 110 -1.38 -12.83 -6.02
N VAL A 111 -1.56 -13.85 -5.19
CA VAL A 111 -0.48 -14.79 -4.86
C VAL A 111 -0.48 -16.05 -5.74
N LYS A 112 0.66 -16.37 -6.34
CA LYS A 112 0.79 -17.62 -7.09
C LYS A 112 0.99 -18.78 -6.13
N PRO A 113 0.35 -19.92 -6.42
CA PRO A 113 -0.52 -20.15 -7.58
C PRO A 113 -1.93 -19.60 -7.36
N PHE A 114 -2.55 -19.11 -8.43
CA PHE A 114 -3.89 -18.55 -8.35
C PHE A 114 -4.81 -19.28 -9.31
N THR A 115 -6.11 -19.18 -9.05
CA THR A 115 -7.09 -19.78 -9.92
C THR A 115 -7.55 -18.71 -10.89
N ALA A 116 -8.20 -19.13 -11.95
CA ALA A 116 -8.82 -18.21 -12.90
C ALA A 116 -9.84 -17.31 -12.21
N ALA A 117 -10.59 -17.87 -11.27
CA ALA A 117 -11.63 -17.10 -10.62
C ALA A 117 -11.03 -15.97 -9.78
N THR A 118 -9.95 -16.26 -9.10
CA THR A 118 -9.24 -15.24 -8.31
C THR A 118 -8.74 -14.10 -9.20
N LEU A 119 -8.08 -14.43 -10.29
CA LEU A 119 -7.57 -13.36 -11.15
C LEU A 119 -8.73 -12.50 -11.60
N GLU A 120 -9.83 -13.12 -11.99
CA GLU A 120 -10.96 -12.36 -12.50
C GLU A 120 -11.56 -11.45 -11.44
N GLU A 121 -11.57 -11.95 -10.22
CA GLU A 121 -12.15 -11.26 -9.08
C GLU A 121 -11.30 -10.03 -8.78
N LYS A 122 -10.00 -10.21 -8.76
CA LYS A 122 -9.11 -9.13 -8.38
C LYS A 122 -8.99 -8.06 -9.47
N LEU A 123 -9.08 -8.46 -10.74
CA LEU A 123 -9.09 -7.46 -11.80
C LEU A 123 -10.38 -6.66 -11.72
N ASN A 124 -11.50 -7.35 -11.50
CA ASN A 124 -12.78 -6.67 -11.40
C ASN A 124 -12.83 -5.71 -10.23
N LYS A 125 -12.15 -6.05 -9.14
CA LYS A 125 -12.09 -5.17 -7.99
C LYS A 125 -11.33 -3.90 -8.32
N ILE A 126 -10.30 -4.02 -9.15
CA ILE A 126 -9.54 -2.85 -9.57
C ILE A 126 -10.35 -2.01 -10.55
N PHE A 127 -11.09 -2.66 -11.43
CA PHE A 127 -11.94 -1.94 -12.38
C PHE A 127 -12.96 -1.11 -11.60
N GLU A 128 -13.70 -1.75 -10.71
CA GLU A 128 -14.66 -1.04 -9.87
C GLU A 128 -14.03 0.13 -9.11
N LYS A 129 -12.88 -0.12 -8.48
CA LYS A 129 -12.21 0.89 -7.68
C LYS A 129 -11.88 2.13 -8.50
N LEU A 130 -11.46 1.94 -9.75
CA LEU A 130 -11.02 3.07 -10.59
C LEU A 130 -12.10 3.52 -11.55
N GLY A 131 -13.28 2.94 -11.44
CA GLY A 131 -14.39 3.32 -12.31
C GLY A 131 -14.12 3.02 -13.78
N MET A 132 -13.49 1.89 -14.04
CA MET A 132 -13.23 1.49 -15.41
C MET A 132 -14.36 0.61 -15.93
N HIS B 3 7.19 20.05 9.90
CA HIS B 3 7.63 19.21 11.01
C HIS B 3 8.86 18.39 10.65
N MET B 4 9.64 18.01 11.67
CA MET B 4 10.86 17.24 11.49
C MET B 4 10.99 16.17 12.57
N ALA B 5 11.86 15.18 12.34
CA ALA B 5 12.06 14.09 13.32
C ALA B 5 13.06 14.44 14.42
N ASP B 6 12.88 15.60 15.02
CA ASP B 6 13.66 16.04 16.16
C ASP B 6 12.96 15.62 17.43
N LYS B 7 13.63 15.80 18.56
CA LYS B 7 13.09 15.38 19.85
C LYS B 7 11.68 15.89 20.10
N GLU B 8 11.28 16.91 19.35
CA GLU B 8 10.07 17.65 19.68
C GLU B 8 8.84 17.16 18.94
N LEU B 9 9.04 16.35 17.91
CA LEU B 9 7.92 15.82 17.13
C LEU B 9 6.85 15.28 18.07
N LYS B 10 5.63 15.77 17.92
CA LYS B 10 4.53 15.34 18.79
C LYS B 10 3.75 14.18 18.18
N PHE B 11 3.66 13.09 18.93
CA PHE B 11 3.02 11.87 18.47
C PHE B 11 1.68 11.71 19.13
N LEU B 12 0.73 11.17 18.38
CA LEU B 12 -0.55 10.73 18.93
C LEU B 12 -0.63 9.23 18.74
N VAL B 13 -0.80 8.50 19.85
CA VAL B 13 -0.85 7.04 19.80
C VAL B 13 -2.28 6.56 20.03
N VAL B 14 -2.82 5.84 19.06
CA VAL B 14 -4.24 5.50 19.09
C VAL B 14 -4.43 4.00 19.12
N ASP B 15 -5.10 3.51 20.15
CA ASP B 15 -5.45 2.10 20.25
C ASP B 15 -6.52 2.02 21.31
N ASP B 16 -7.47 1.10 21.17
CA ASP B 16 -8.47 0.93 22.21
C ASP B 16 -7.93 0.12 23.40
N PHE B 17 -6.77 -0.51 23.22
CA PHE B 17 -6.18 -1.28 24.32
C PHE B 17 -4.98 -0.59 24.90
N SER B 18 -5.08 -0.30 26.20
CA SER B 18 -4.08 0.48 26.91
C SER B 18 -2.71 -0.19 26.82
N THR B 19 -2.69 -1.51 26.87
CA THR B 19 -1.44 -2.25 26.78
C THR B 19 -0.64 -1.90 25.52
N MET B 20 -1.33 -1.84 24.39
CA MET B 20 -0.70 -1.53 23.12
CA MET B 20 -0.70 -1.53 23.12
C MET B 20 -0.22 -0.08 23.08
N ARG B 21 -1.02 0.84 23.59
CA ARG B 21 -0.60 2.23 23.62
C ARG B 21 0.66 2.32 24.45
N ARG B 22 0.67 1.58 25.56
CA ARG B 22 1.84 1.55 26.42
C ARG B 22 3.08 1.01 25.70
N ILE B 23 2.94 -0.09 24.98
CA ILE B 23 4.06 -0.56 24.18
C ILE B 23 4.64 0.53 23.28
N VAL B 24 3.79 1.17 22.49
CA VAL B 24 4.24 2.16 21.52
C VAL B 24 4.86 3.37 22.22
N ARG B 25 4.20 3.88 23.25
CA ARG B 25 4.72 5.02 23.98
C ARG B 25 6.13 4.74 24.49
N ASN B 26 6.32 3.58 25.11
CA ASN B 26 7.65 3.22 25.59
C ASN B 26 8.69 3.04 24.47
N LEU B 27 8.33 2.43 23.35
CA LEU B 27 9.28 2.37 22.23
C LEU B 27 9.68 3.75 21.79
N LEU B 28 8.70 4.65 21.73
CA LEU B 28 8.94 6.01 21.30
C LEU B 28 9.89 6.73 22.25
N LYS B 29 9.68 6.57 23.55
CA LYS B 29 10.55 7.18 24.53
C LYS B 29 11.97 6.68 24.34
N GLU B 30 12.10 5.40 24.05
CA GLU B 30 13.40 4.81 23.86
C GLU B 30 14.04 5.36 22.60
N LEU B 31 13.23 5.79 21.64
CA LEU B 31 13.77 6.29 20.38
C LEU B 31 14.10 7.77 20.48
N GLY B 32 13.81 8.35 21.64
CA GLY B 32 14.12 9.73 21.93
C GLY B 32 12.93 10.66 21.84
N PHE B 33 11.73 10.09 21.71
CA PHE B 33 10.52 10.92 21.55
C PHE B 33 9.63 10.89 22.78
N ASN B 34 9.71 11.90 23.63
CA ASN B 34 8.85 11.91 24.81
C ASN B 34 7.62 12.79 24.65
N ASN B 35 7.50 13.47 23.52
CA ASN B 35 6.35 14.34 23.29
C ASN B 35 5.22 13.55 22.66
N VAL B 36 4.56 12.74 23.50
CA VAL B 36 3.62 11.73 23.04
C VAL B 36 2.32 11.77 23.84
N GLU B 37 1.17 11.73 23.15
CA GLU B 37 -0.14 11.60 23.80
C GLU B 37 -0.85 10.33 23.34
N GLU B 38 -1.95 10.00 23.99
CA GLU B 38 -2.71 8.81 23.66
C GLU B 38 -4.15 9.14 23.37
N ALA B 39 -4.78 8.29 22.58
CA ALA B 39 -6.22 8.36 22.35
C ALA B 39 -6.74 6.93 22.28
N GLU B 40 -8.00 6.74 22.63
CA GLU B 40 -8.53 5.40 22.74
C GLU B 40 -9.43 5.01 21.57
N ASP B 41 -9.65 5.94 20.64
CA ASP B 41 -10.40 5.63 19.44
C ASP B 41 -10.30 6.79 18.45
N GLY B 42 -10.87 6.61 17.27
CA GLY B 42 -10.79 7.65 16.26
C GLY B 42 -11.43 8.97 16.67
N VAL B 43 -12.53 8.91 17.42
CA VAL B 43 -13.18 10.14 17.85
C VAL B 43 -12.26 10.88 18.82
N ASP B 44 -11.85 10.16 19.88
CA ASP B 44 -10.88 10.68 20.83
C ASP B 44 -9.68 11.27 20.09
N ALA B 45 -9.16 10.53 19.12
CA ALA B 45 -8.00 10.98 18.35
C ALA B 45 -8.30 12.26 17.60
N LEU B 46 -9.41 12.30 16.88
CA LEU B 46 -9.75 13.52 16.15
C LEU B 46 -9.85 14.73 17.07
N ASN B 47 -10.35 14.52 18.29
CA ASN B 47 -10.44 15.62 19.25
C ASN B 47 -9.08 16.22 19.58
N LYS B 48 -8.11 15.36 19.87
CA LYS B 48 -6.79 15.83 20.20
C LYS B 48 -6.08 16.41 18.99
N LEU B 49 -6.20 15.76 17.85
CA LEU B 49 -5.58 16.28 16.64
C LEU B 49 -6.08 17.69 16.37
N GLN B 50 -7.38 17.90 16.52
CA GLN B 50 -7.95 19.20 16.23
C GLN B 50 -7.59 20.24 17.31
N ALA B 51 -6.90 19.79 18.36
CA ALA B 51 -6.30 20.70 19.34
C ALA B 51 -4.98 21.26 18.82
N GLY B 52 -4.44 20.66 17.77
CA GLY B 52 -3.23 21.15 17.12
C GLY B 52 -1.92 20.68 17.74
N GLY B 53 -0.84 20.79 16.96
CA GLY B 53 0.49 20.50 17.46
C GLY B 53 1.04 19.11 17.16
N TYR B 54 0.24 18.26 16.56
CA TYR B 54 0.69 16.92 16.29
C TYR B 54 1.40 16.83 14.96
N GLY B 55 2.42 15.99 14.93
CA GLY B 55 3.24 15.80 13.75
C GLY B 55 3.30 14.38 13.23
N PHE B 56 2.63 13.46 13.93
CA PHE B 56 2.70 12.05 13.57
C PHE B 56 1.63 11.28 14.34
N VAL B 57 0.94 10.38 13.65
CA VAL B 57 -0.12 9.56 14.26
C VAL B 57 0.19 8.09 14.09
N ILE B 58 0.21 7.36 15.18
CA ILE B 58 0.35 5.91 15.09
C ILE B 58 -0.96 5.32 15.52
N SER B 59 -1.58 4.50 14.67
CA SER B 59 -2.95 4.08 14.97
C SER B 59 -3.32 2.63 14.74
N ASP B 60 -4.10 2.12 15.69
CA ASP B 60 -4.76 0.83 15.62
C ASP B 60 -5.86 0.88 14.58
N TRP B 61 -6.45 -0.27 14.25
CA TRP B 61 -7.55 -0.29 13.30
C TRP B 61 -8.87 -0.60 14.01
N ASP B 62 -8.95 -1.78 14.59
CA ASP B 62 -10.20 -2.21 15.22
C ASP B 62 -10.42 -1.48 16.54
N MET B 63 -11.30 -0.48 16.53
CA MET B 63 -11.58 0.31 17.72
C MET B 63 -13.03 0.73 17.62
N PRO B 64 -13.70 0.85 18.77
CA PRO B 64 -15.09 1.29 18.79
C PRO B 64 -15.20 2.79 18.52
N ASN B 65 -16.43 3.25 18.30
CA ASN B 65 -16.72 4.67 18.11
C ASN B 65 -16.27 5.21 16.75
N MET B 66 -14.98 5.08 16.47
CA MET B 66 -14.49 5.24 15.09
C MET B 66 -13.23 4.41 14.93
N ASP B 67 -13.25 3.50 13.96
CA ASP B 67 -12.10 2.65 13.72
C ASP B 67 -11.02 3.40 12.99
N GLY B 68 -9.84 2.78 12.92
CA GLY B 68 -8.66 3.43 12.40
C GLY B 68 -8.67 3.68 10.90
N LEU B 69 -9.36 2.83 10.14
CA LEU B 69 -9.45 3.11 8.70
C LEU B 69 -10.27 4.40 8.52
N GLU B 70 -11.40 4.49 9.20
CA GLU B 70 -12.17 5.73 9.15
C GLU B 70 -11.30 6.89 9.63
N LEU B 71 -10.54 6.67 10.69
CA LEU B 71 -9.73 7.74 11.24
C LEU B 71 -8.75 8.22 10.18
N LEU B 72 -8.13 7.26 9.51
CA LEU B 72 -7.15 7.57 8.49
C LEU B 72 -7.80 8.35 7.34
N LYS B 73 -8.89 7.80 6.80
CA LYS B 73 -9.58 8.46 5.71
C LYS B 73 -10.01 9.86 6.11
N THR B 74 -10.48 10.00 7.34
CA THR B 74 -10.94 11.29 7.82
C THR B 74 -9.82 12.31 7.84
N ILE B 75 -8.65 11.89 8.28
CA ILE B 75 -7.48 12.73 8.33
C ILE B 75 -7.05 13.13 6.92
N ARG B 76 -7.12 12.18 5.99
CA ARG B 76 -6.58 12.42 4.65
C ARG B 76 -7.46 13.38 3.88
N ALA B 77 -8.75 13.37 4.20
CA ALA B 77 -9.72 14.24 3.54
C ALA B 77 -9.82 15.62 4.19
N ASP B 78 -9.19 15.79 5.34
CA ASP B 78 -9.29 17.07 6.03
C ASP B 78 -8.14 18.00 5.60
N GLY B 79 -8.48 19.16 5.07
CA GLY B 79 -7.47 20.08 4.59
C GLY B 79 -6.46 20.52 5.64
N ALA B 80 -6.88 20.54 6.89
CA ALA B 80 -5.98 20.91 7.98
C ALA B 80 -4.93 19.85 8.26
N MET B 81 -5.32 18.58 8.11
CA MET B 81 -4.51 17.46 8.57
C MET B 81 -4.01 16.59 7.43
N SER B 82 -4.40 16.91 6.21
CA SER B 82 -4.33 15.97 5.10
C SER B 82 -2.98 15.26 4.89
N ALA B 83 -1.88 15.90 5.27
CA ALA B 83 -0.57 15.30 5.03
C ALA B 83 0.08 14.70 6.28
N LEU B 84 -0.65 14.75 7.40
CA LEU B 84 -0.20 14.16 8.66
C LEU B 84 0.18 12.68 8.49
N PRO B 85 1.43 12.33 8.83
CA PRO B 85 1.81 10.91 8.74
C PRO B 85 0.93 10.02 9.64
N VAL B 86 0.50 8.89 9.09
CA VAL B 86 -0.30 7.95 9.84
C VAL B 86 0.25 6.53 9.63
N LEU B 87 0.86 5.98 10.68
CA LEU B 87 1.35 4.61 10.65
C LEU B 87 0.28 3.70 11.22
N MET B 88 -0.22 2.75 10.43
CA MET B 88 -1.16 1.77 10.98
C MET B 88 -0.38 0.70 11.74
N VAL B 89 -0.86 0.37 12.94
CA VAL B 89 -0.30 -0.71 13.73
C VAL B 89 -1.46 -1.57 14.20
N THR B 90 -1.65 -2.73 13.58
CA THR B 90 -2.89 -3.46 13.75
C THR B 90 -2.68 -4.94 13.63
N ALA B 91 -3.62 -5.70 14.21
CA ALA B 91 -3.62 -7.15 14.14
C ALA B 91 -4.14 -7.64 12.80
N TYR B 92 -4.96 -6.81 12.15
CA TYR B 92 -5.44 -7.10 10.82
C TYR B 92 -4.28 -7.38 9.87
N ALA B 93 -4.26 -8.57 9.28
CA ALA B 93 -3.14 -8.96 8.42
C ALA B 93 -3.58 -9.46 7.06
N LYS B 94 -4.87 -9.46 6.79
CA LYS B 94 -5.36 -9.87 5.48
C LYS B 94 -4.82 -8.96 4.40
N LYS B 95 -4.42 -9.59 3.30
CA LYS B 95 -4.02 -8.93 2.06
C LYS B 95 -4.94 -7.75 1.74
N GLU B 96 -6.24 -7.97 1.84
CA GLU B 96 -7.18 -6.90 1.50
C GLU B 96 -7.17 -5.74 2.50
N ASN B 97 -6.79 -6.00 3.76
CA ASN B 97 -6.72 -4.97 4.78
C ASN B 97 -5.51 -4.09 4.50
N ILE B 98 -4.42 -4.76 4.14
CA ILE B 98 -3.18 -4.08 3.86
C ILE B 98 -3.30 -3.13 2.68
N ILE B 99 -3.92 -3.60 1.61
CA ILE B 99 -4.16 -2.76 0.42
C ILE B 99 -5.20 -1.70 0.75
N ALA B 100 -6.26 -2.07 1.45
CA ALA B 100 -7.28 -1.08 1.79
C ALA B 100 -6.65 0.11 2.50
N ALA B 101 -5.69 -0.13 3.38
CA ALA B 101 -5.11 0.94 4.20
C ALA B 101 -4.17 1.79 3.39
N ALA B 102 -3.32 1.13 2.59
CA ALA B 102 -2.41 1.84 1.71
C ALA B 102 -3.20 2.79 0.84
N GLN B 103 -4.25 2.27 0.22
CA GLN B 103 -5.02 3.08 -0.71
C GLN B 103 -5.80 4.20 -0.03
N ALA B 104 -5.99 4.11 1.29
CA ALA B 104 -6.68 5.18 2.00
C ALA B 104 -5.69 6.23 2.46
N GLY B 105 -4.42 6.01 2.12
CA GLY B 105 -3.37 6.96 2.42
C GLY B 105 -2.44 6.66 3.60
N ALA B 106 -2.47 5.43 4.12
CA ALA B 106 -1.57 5.11 5.24
C ALA B 106 -0.11 5.35 4.85
N SER B 107 0.66 5.92 5.77
CA SER B 107 2.08 6.19 5.52
C SER B 107 2.94 4.93 5.66
N GLY B 108 2.36 3.90 6.28
CA GLY B 108 3.09 2.69 6.61
C GLY B 108 2.13 1.74 7.30
N TYR B 109 2.55 0.50 7.47
CA TYR B 109 1.67 -0.53 8.05
C TYR B 109 2.52 -1.52 8.84
N VAL B 110 2.10 -1.79 10.07
CA VAL B 110 2.77 -2.73 10.96
C VAL B 110 1.75 -3.76 11.47
N VAL B 111 2.08 -5.05 11.38
CA VAL B 111 1.16 -6.09 11.83
C VAL B 111 1.54 -6.47 13.26
N LYS B 112 0.55 -6.54 14.14
CA LYS B 112 0.78 -7.04 15.50
C LYS B 112 0.77 -8.57 15.46
N PRO B 113 1.64 -9.21 16.27
CA PRO B 113 2.62 -8.57 17.14
C PRO B 113 3.84 -8.10 16.38
N PHE B 114 4.49 -7.06 16.88
CA PHE B 114 5.65 -6.46 16.21
C PHE B 114 6.78 -6.27 17.20
N THR B 115 8.02 -6.31 16.70
CA THR B 115 9.18 -6.12 17.56
C THR B 115 9.52 -4.65 17.61
N ALA B 116 10.35 -4.27 18.58
CA ALA B 116 10.85 -2.90 18.67
C ALA B 116 11.62 -2.52 17.42
N ALA B 117 12.43 -3.44 16.90
CA ALA B 117 13.17 -3.17 15.67
C ALA B 117 12.24 -2.84 14.51
N THR B 118 11.20 -3.64 14.31
CA THR B 118 10.23 -3.36 13.27
C THR B 118 9.66 -1.95 13.41
N LEU B 119 9.19 -1.59 14.60
CA LEU B 119 8.60 -0.26 14.77
C LEU B 119 9.61 0.79 14.38
N GLU B 120 10.85 0.62 14.83
CA GLU B 120 11.87 1.61 14.57
C GLU B 120 12.12 1.78 13.08
N GLU B 121 12.18 0.66 12.37
CA GLU B 121 12.48 0.68 10.95
C GLU B 121 11.33 1.33 10.21
N LYS B 122 10.10 0.97 10.59
CA LYS B 122 8.92 1.47 9.93
C LYS B 122 8.82 2.97 10.11
N LEU B 123 9.17 3.45 11.31
CA LEU B 123 9.19 4.88 11.59
C LEU B 123 10.26 5.60 10.74
N ASN B 124 11.46 5.04 10.74
CA ASN B 124 12.56 5.62 9.99
C ASN B 124 12.29 5.67 8.49
N LYS B 125 11.67 4.62 7.96
CA LYS B 125 11.37 4.57 6.53
C LYS B 125 10.45 5.72 6.18
N ILE B 126 9.58 6.08 7.12
CA ILE B 126 8.63 7.17 6.91
C ILE B 126 9.31 8.53 7.09
N PHE B 127 10.12 8.68 8.13
CA PHE B 127 10.90 9.90 8.29
C PHE B 127 11.67 10.21 7.00
N GLU B 128 12.38 9.21 6.49
CA GLU B 128 13.11 9.37 5.24
C GLU B 128 12.19 9.76 4.09
N LYS B 129 11.25 8.87 3.76
CA LYS B 129 10.31 9.12 2.67
C LYS B 129 9.77 10.55 2.68
N LEU B 130 9.56 11.11 3.88
CA LEU B 130 8.96 12.43 4.01
C LEU B 130 9.96 13.51 4.39
N GLY B 131 11.25 13.19 4.27
CA GLY B 131 12.28 14.14 4.61
C GLY B 131 12.10 14.84 5.94
N MET B 132 11.87 14.07 7.00
CA MET B 132 11.72 14.61 8.34
C MET B 132 13.02 14.50 9.13
MN MN C . 9.60 -14.36 -11.47
BE BEF D . 7.33 -13.69 -9.10
F1 BEF D . 6.45 -14.69 -8.74
F2 BEF D . 8.52 -14.19 -9.61
F3 BEF D . 7.52 -12.69 -8.14
S SO4 E . -5.15 -13.39 3.19
O1 SO4 E . -5.05 -13.72 4.62
O2 SO4 E . -6.44 -12.79 2.88
O3 SO4 E . -4.06 -12.48 2.84
O4 SO4 E . -5.01 -14.62 2.42
S SO4 F . 11.34 -19.30 -20.51
O1 SO4 F . 12.51 -20.09 -20.09
O2 SO4 F . 11.01 -18.34 -19.46
O3 SO4 F . 11.63 -18.59 -21.76
O4 SO4 F . 10.22 -20.21 -20.72
C1 GOL G . -2.28 7.20 -23.42
O1 GOL G . -2.78 5.95 -23.86
C2 GOL G . -0.80 7.35 -23.78
O2 GOL G . -0.10 6.14 -23.56
C3 GOL G . -0.67 7.75 -25.24
O3 GOL G . 0.66 8.15 -25.49
C1 GOL H . 9.65 5.35 -3.95
O1 GOL H . 10.05 5.60 -5.29
C2 GOL H . 10.90 4.98 -3.17
O2 GOL H . 11.82 4.40 -4.05
C3 GOL H . 10.60 3.94 -2.12
O3 GOL H . 11.69 3.04 -2.16
C1 GOL I . 5.95 -12.44 7.50
O1 GOL I . 6.07 -11.15 6.91
C2 GOL I . 4.88 -13.28 6.81
O2 GOL I . 3.62 -13.04 7.39
C3 GOL I . 5.15 -14.75 7.04
O3 GOL I . 3.87 -15.36 7.01
C1 GOL J . -16.50 -6.31 -21.17
O1 GOL J . -16.69 -5.96 -19.83
C2 GOL J . -15.48 -7.45 -21.29
O2 GOL J . -14.94 -7.71 -20.00
C3 GOL J . -14.36 -7.05 -22.25
O3 GOL J . -14.84 -7.05 -23.58
C1 GOL K . 8.25 -12.25 -24.60
O1 GOL K . 7.00 -12.76 -25.02
C2 GOL K . 8.42 -10.83 -25.13
O2 GOL K . 8.70 -10.86 -26.52
C3 GOL K . 9.55 -10.12 -24.40
O3 GOL K . 9.65 -8.82 -24.95
C1 GOL L . -1.79 0.19 -29.09
O1 GOL L . -3.00 -0.48 -29.38
C2 GOL L . -2.09 1.62 -28.64
O2 GOL L . -1.54 2.55 -29.56
C3 GOL L . -3.60 1.82 -28.48
O3 GOL L . -4.03 1.43 -27.18
MN MN M . -8.11 -2.60 18.69
BE BEF N . -6.12 -3.43 16.12
F1 BEF N . -6.54 -3.25 14.82
F2 BEF N . -7.17 -3.70 16.99
F3 BEF N . -5.07 -4.32 16.23
S SO4 O . -8.22 -1.48 28.67
O1 SO4 O . -7.89 -2.81 29.21
O2 SO4 O . -7.72 -0.42 29.56
O3 SO4 O . -7.62 -1.33 27.36
O4 SO4 O . -9.68 -1.37 28.56
S SO4 P . 2.97 20.91 22.03
O1 SO4 P . 2.55 19.87 22.99
O2 SO4 P . 3.43 22.07 22.78
O3 SO4 P . 4.06 20.38 21.21
O4 SO4 P . 1.84 21.30 21.18
C1 GOL Q . -14.00 6.72 2.23
O1 GOL Q . -14.72 5.73 1.53
C2 GOL Q . -13.75 7.95 1.38
O2 GOL Q . -12.45 7.89 0.83
C3 GOL Q . -13.69 9.14 2.29
O3 GOL Q . -12.38 9.61 2.27
C1 GOL R . 17.05 12.62 17.72
O1 GOL R . 16.90 12.72 16.32
C2 GOL R . 16.05 11.60 18.27
O2 GOL R . 15.52 10.84 17.21
C3 GOL R . 14.91 12.32 18.98
O3 GOL R . 15.37 12.91 20.19
#